data_4DA1
#
_entry.id   4DA1
#
_cell.length_a   125.276
_cell.length_b   125.276
_cell.length_c   61.660
_cell.angle_alpha   90.000
_cell.angle_beta   90.000
_cell.angle_gamma   120.000
#
_symmetry.space_group_name_H-M   'P 31 2 1'
#
loop_
_entity.id
_entity.type
_entity.pdbx_description
1 polymer 'Protein phosphatase 1K, mitochondrial'
2 non-polymer BETA-MERCAPTOETHANOL
3 non-polymer 'MAGNESIUM ION'
4 water water
#
_entity_poly.entity_id   1
_entity_poly.type   'polypeptide(L)'
_entity_poly.pdbx_seq_one_letter_code
;GHHHHHHGSDSEVNQEAKPEVKPEVKPETHINLKVSDGSSEIFFKIKKTTPLRRLMEAFAKRQGKEMDSLRFLYDGIRIQ
ADQAPEDLDMEDNDIIEAHREQIGGENLYFQAGKPIPKISLENVGCASQIGKRKENEDRFDFAQLTDEVLYFAVYDGHGG
PAAADFCHTHMEKCIMDLLPKEKNLETLLTLAFLEIDKAFSSHARLSADATLLTSGTTATVALLRDGIELVVASVGDSRA
ILCRKGKPMKLTIDHTPERKDEKERIKKCGGFVAWNSLGQPHVNGRLAMTRSIGDLDLKTSGVIAEPETKRIKLHHADDS
FLVLTTDGINFMVNSQEICDFVNQCHDPNEAAHAVTEQAIQYGTEDNSTAVVVPFGAWGKYKNSEINFS
;
_entity_poly.pdbx_strand_id   A
#
loop_
_chem_comp.id
_chem_comp.type
_chem_comp.name
_chem_comp.formula
BME non-polymer BETA-MERCAPTOETHANOL 'C2 H6 O S'
MG non-polymer 'MAGNESIUM ION' 'Mg 2'
#
# COMPACT_ATOMS: atom_id res chain seq x y z
N ILE A 119 -13.51 -11.62 13.45
CA ILE A 119 -13.48 -10.26 12.88
C ILE A 119 -14.46 -10.09 11.72
N SER A 120 -15.09 -8.92 11.67
CA SER A 120 -16.18 -8.66 10.75
C SER A 120 -15.76 -7.69 9.65
N LEU A 121 -15.86 -8.15 8.41
CA LEU A 121 -15.48 -7.33 7.27
C LEU A 121 -16.61 -6.39 6.86
N GLU A 122 -17.78 -6.61 7.44
CA GLU A 122 -18.91 -5.73 7.15
C GLU A 122 -18.64 -4.33 7.71
N ASN A 123 -17.84 -4.26 8.77
CA ASN A 123 -17.50 -2.98 9.38
C ASN A 123 -16.32 -2.24 8.74
N VAL A 124 -15.65 -2.84 7.77
CA VAL A 124 -14.53 -2.15 7.15
C VAL A 124 -15.03 -0.87 6.49
N GLY A 125 -14.32 0.22 6.72
CA GLY A 125 -14.65 1.49 6.11
C GLY A 125 -13.68 1.76 4.98
N CYS A 126 -14.17 2.37 3.91
CA CYS A 126 -13.29 2.69 2.79
C CYS A 126 -13.80 3.90 2.01
N ALA A 127 -12.87 4.72 1.56
CA ALA A 127 -13.17 5.92 0.78
C ALA A 127 -12.05 6.21 -0.20
N SER A 128 -12.42 6.62 -1.40
CA SER A 128 -11.45 6.92 -2.46
C SER A 128 -11.96 8.11 -3.26
N GLN A 129 -11.26 9.25 -3.15
CA GLN A 129 -11.63 10.45 -3.91
C GLN A 129 -10.60 10.74 -4.99
N ILE A 130 -11.07 11.10 -6.16
CA ILE A 130 -10.20 11.35 -7.31
C ILE A 130 -9.33 12.61 -7.12
N GLY A 131 -9.79 13.55 -6.30
CA GLY A 131 -9.13 14.84 -6.20
C GLY A 131 -9.26 15.63 -7.51
N LYS A 132 -8.19 16.30 -7.92
CA LYS A 132 -8.23 17.11 -9.12
C LYS A 132 -7.56 16.42 -10.29
N ARG A 133 -7.44 15.09 -10.22
CA ARG A 133 -6.83 14.34 -11.30
C ARG A 133 -7.86 14.01 -12.36
N LYS A 134 -7.38 13.69 -13.55
CA LYS A 134 -8.26 13.28 -14.64
C LYS A 134 -8.85 11.90 -14.36
N GLU A 135 -8.08 11.08 -13.65
CA GLU A 135 -8.46 9.70 -13.42
C GLU A 135 -8.12 9.24 -11.99
N ASN A 136 -8.84 8.24 -11.50
CA ASN A 136 -8.47 7.66 -10.21
C ASN A 136 -7.76 6.33 -10.37
N GLU A 137 -6.47 6.32 -10.06
CA GLU A 137 -5.63 5.13 -10.22
C GLU A 137 -5.35 4.41 -8.89
N ASP A 138 -6.00 4.83 -7.80
CA ASP A 138 -5.95 4.10 -6.53
C ASP A 138 -6.85 2.87 -6.58
N ARG A 139 -6.33 1.72 -6.17
CA ARG A 139 -7.15 0.53 -5.96
C ARG A 139 -7.03 0.04 -4.51
N PHE A 140 -8.01 -0.73 -4.07
CA PHE A 140 -7.98 -1.24 -2.71
C PHE A 140 -8.85 -2.48 -2.63
N ASP A 141 -8.55 -3.34 -1.67
CA ASP A 141 -9.26 -4.59 -1.56
C ASP A 141 -9.16 -5.13 -0.15
N PHE A 142 -10.07 -6.04 0.18
CA PHE A 142 -9.95 -6.82 1.39
C PHE A 142 -10.80 -8.09 1.28
N ALA A 143 -10.43 -9.09 2.04
CA ALA A 143 -11.13 -10.37 1.97
C ALA A 143 -10.61 -11.30 3.03
N GLN A 144 -11.39 -12.35 3.27
CA GLN A 144 -10.97 -13.44 4.11
C GLN A 144 -10.43 -14.52 3.22
N LEU A 145 -9.12 -14.77 3.26
CA LEU A 145 -8.53 -15.76 2.37
C LEU A 145 -8.83 -17.18 2.83
N THR A 146 -8.70 -17.40 4.13
CA THR A 146 -8.94 -18.72 4.72
C THR A 146 -9.55 -18.51 6.08
N ASP A 147 -9.90 -19.60 6.76
CA ASP A 147 -10.40 -19.50 8.12
C ASP A 147 -9.46 -18.65 8.97
N GLU A 148 -8.15 -18.77 8.74
CA GLU A 148 -7.17 -18.16 9.64
C GLU A 148 -6.56 -16.84 9.15
N VAL A 149 -6.77 -16.50 7.88
CA VAL A 149 -6.08 -15.35 7.32
C VAL A 149 -6.99 -14.33 6.64
N LEU A 150 -6.87 -13.07 7.08
CA LEU A 150 -7.58 -11.98 6.45
C LEU A 150 -6.61 -11.15 5.63
N TYR A 151 -7.11 -10.54 4.55
CA TYR A 151 -6.29 -9.76 3.63
C TYR A 151 -6.79 -8.32 3.47
N PHE A 152 -5.87 -7.36 3.46
CA PHE A 152 -6.21 -5.95 3.24
C PHE A 152 -5.11 -5.31 2.41
N ALA A 153 -5.48 -4.54 1.38
CA ALA A 153 -4.47 -3.98 0.49
C ALA A 153 -4.89 -2.65 -0.12
N VAL A 154 -3.93 -1.74 -0.26
CA VAL A 154 -4.08 -0.60 -1.16
C VAL A 154 -2.98 -0.62 -2.24
N TYR A 155 -3.34 -0.19 -3.45
CA TYR A 155 -2.39 -0.08 -4.56
C TYR A 155 -2.56 1.29 -5.21
N ASP A 156 -1.56 2.15 -5.08
CA ASP A 156 -1.58 3.46 -5.72
C ASP A 156 -0.89 3.40 -7.08
N GLY A 157 -1.67 3.31 -8.16
CA GLY A 157 -1.09 3.17 -9.49
C GLY A 157 -0.67 4.50 -10.12
N HIS A 158 0.33 4.46 -10.99
CA HIS A 158 0.70 5.63 -11.80
C HIS A 158 0.99 5.18 -13.21
N GLY A 159 0.93 6.12 -14.16
CA GLY A 159 1.23 5.83 -15.55
C GLY A 159 0.23 4.86 -16.14
N GLY A 160 -1.05 5.09 -15.84
CA GLY A 160 -2.08 4.15 -16.23
C GLY A 160 -2.30 3.14 -15.11
N PRO A 161 -3.57 2.75 -14.92
CA PRO A 161 -4.00 1.86 -13.83
C PRO A 161 -3.58 0.41 -14.02
N ALA A 162 -2.95 0.08 -15.14
CA ALA A 162 -2.70 -1.31 -15.49
C ALA A 162 -2.05 -2.09 -14.35
N ALA A 163 -0.99 -1.55 -13.78
CA ALA A 163 -0.23 -2.29 -12.77
C ALA A 163 -1.05 -2.39 -11.48
N ALA A 164 -1.67 -1.29 -11.08
CA ALA A 164 -2.52 -1.29 -9.88
C ALA A 164 -3.63 -2.32 -10.02
N ASP A 165 -4.26 -2.36 -11.20
CA ASP A 165 -5.32 -3.32 -11.51
C ASP A 165 -4.83 -4.75 -11.50
N PHE A 166 -3.61 -4.97 -12.01
CA PHE A 166 -3.04 -6.31 -12.07
C PHE A 166 -2.89 -6.87 -10.64
N CYS A 167 -2.37 -6.05 -9.73
CA CYS A 167 -2.22 -6.44 -8.33
C CYS A 167 -3.58 -6.71 -7.68
N HIS A 168 -4.51 -5.78 -7.88
CA HIS A 168 -5.84 -5.96 -7.34
C HIS A 168 -6.42 -7.31 -7.78
N THR A 169 -6.22 -7.64 -9.04
CA THR A 169 -6.80 -8.83 -9.63
C THR A 169 -6.16 -10.14 -9.15
N HIS A 170 -4.85 -10.10 -8.90
CA HIS A 170 -4.08 -11.34 -8.78
C HIS A 170 -3.38 -11.53 -7.44
N MET A 171 -3.24 -10.47 -6.64
CA MET A 171 -2.52 -10.61 -5.39
C MET A 171 -3.07 -11.73 -4.50
N GLU A 172 -4.39 -11.85 -4.44
CA GLU A 172 -5.02 -12.87 -3.59
C GLU A 172 -4.64 -14.29 -4.01
N LYS A 173 -4.63 -14.55 -5.32
CA LYS A 173 -4.23 -15.86 -5.82
C LYS A 173 -2.78 -16.15 -5.44
N CYS A 174 -1.88 -15.18 -5.66
CA CYS A 174 -0.45 -15.35 -5.36
C CYS A 174 -0.27 -15.70 -3.90
N ILE A 175 -0.96 -14.96 -3.04
CA ILE A 175 -0.87 -15.23 -1.60
C ILE A 175 -1.41 -16.61 -1.29
N MET A 176 -2.61 -16.92 -1.76
CA MET A 176 -3.22 -18.19 -1.44
C MET A 176 -2.42 -19.38 -1.95
N ASP A 177 -1.75 -19.21 -3.09
CA ASP A 177 -0.90 -20.27 -3.60
C ASP A 177 0.31 -20.48 -2.69
N LEU A 178 0.66 -19.44 -1.93
CA LEU A 178 1.83 -19.52 -1.06
C LEU A 178 1.54 -19.96 0.38
N LEU A 179 0.33 -19.67 0.87
CA LEU A 179 -0.01 -19.97 2.25
C LEU A 179 0.43 -21.36 2.72
N PRO A 180 0.15 -22.38 1.91
CA PRO A 180 0.52 -23.73 2.39
C PRO A 180 2.01 -24.04 2.21
N LYS A 181 2.72 -23.21 1.45
CA LYS A 181 4.14 -23.46 1.20
C LYS A 181 5.04 -22.73 2.20
N GLU A 182 4.55 -21.65 2.79
CA GLU A 182 5.41 -20.75 3.55
C GLU A 182 4.70 -20.14 4.77
N LYS A 183 5.06 -20.61 5.96
CA LYS A 183 4.40 -20.20 7.20
C LYS A 183 4.83 -18.83 7.71
N ASN A 184 6.02 -18.40 7.33
CA ASN A 184 6.47 -17.07 7.71
C ASN A 184 5.86 -16.04 6.75
N LEU A 185 4.95 -15.24 7.26
CA LEU A 185 4.17 -14.37 6.40
C LEU A 185 4.99 -13.23 5.82
N GLU A 186 6.00 -12.76 6.55
CA GLU A 186 6.92 -11.76 5.99
C GLU A 186 7.62 -12.38 4.80
N THR A 187 8.10 -13.60 4.96
CA THR A 187 8.75 -14.31 3.86
C THR A 187 7.77 -14.50 2.70
N LEU A 188 6.52 -14.83 3.03
CA LEU A 188 5.51 -15.09 2.02
C LEU A 188 5.20 -13.85 1.18
N LEU A 189 4.99 -12.72 1.85
CA LEU A 189 4.62 -11.49 1.15
C LEU A 189 5.76 -11.00 0.26
N THR A 190 6.99 -11.20 0.72
CA THR A 190 8.17 -10.88 -0.06
C THR A 190 8.15 -11.67 -1.37
N LEU A 191 7.94 -12.96 -1.25
CA LEU A 191 7.84 -13.83 -2.40
C LEU A 191 6.66 -13.45 -3.31
N ALA A 192 5.48 -13.21 -2.71
CA ALA A 192 4.30 -12.84 -3.48
C ALA A 192 4.53 -11.56 -4.30
N PHE A 193 5.07 -10.54 -3.65
CA PHE A 193 5.38 -9.29 -4.33
C PHE A 193 6.28 -9.54 -5.55
N LEU A 194 7.39 -10.23 -5.33
CA LEU A 194 8.32 -10.51 -6.42
C LEU A 194 7.67 -11.31 -7.53
N GLU A 195 6.84 -12.27 -7.15
CA GLU A 195 6.23 -13.14 -8.12
C GLU A 195 5.18 -12.38 -8.95
N ILE A 196 4.41 -11.52 -8.28
CA ILE A 196 3.39 -10.79 -9.00
C ILE A 196 4.07 -9.74 -9.89
N ASP A 197 5.24 -9.28 -9.49
CA ASP A 197 5.96 -8.31 -10.31
C ASP A 197 6.47 -9.00 -11.56
N LYS A 198 7.04 -10.20 -11.38
CA LYS A 198 7.40 -11.04 -12.51
C LYS A 198 6.21 -11.19 -13.46
N ALA A 199 5.02 -11.40 -12.91
CA ALA A 199 3.89 -11.71 -13.77
C ALA A 199 3.45 -10.46 -14.52
N PHE A 200 3.45 -9.32 -13.86
CA PHE A 200 3.01 -8.12 -14.54
C PHE A 200 3.99 -7.74 -15.65
N SER A 201 5.27 -8.02 -15.42
CA SER A 201 6.28 -7.68 -16.41
C SER A 201 6.03 -8.46 -17.69
N SER A 202 5.71 -9.75 -17.55
CA SER A 202 5.45 -10.60 -18.71
C SER A 202 4.17 -10.15 -19.40
N HIS A 203 3.14 -9.93 -18.58
CA HIS A 203 1.86 -9.43 -19.06
C HIS A 203 2.03 -8.16 -19.88
N ALA A 204 2.76 -7.20 -19.33
CA ALA A 204 3.04 -5.93 -20.00
C ALA A 204 3.80 -6.13 -21.32
N ARG A 205 4.90 -6.87 -21.29
CA ARG A 205 5.71 -7.07 -22.49
C ARG A 205 4.96 -7.79 -23.60
N LEU A 206 3.83 -8.39 -23.23
CA LEU A 206 3.06 -9.16 -24.21
C LEU A 206 1.83 -8.43 -24.73
N SER A 207 1.45 -7.33 -24.11
CA SER A 207 0.26 -6.66 -24.57
C SER A 207 0.57 -5.73 -25.73
N ALA A 208 -0.46 -5.45 -26.54
CA ALA A 208 -0.33 -4.51 -27.63
C ALA A 208 -0.02 -3.09 -27.11
N ASP A 209 -0.59 -2.76 -25.95
CA ASP A 209 -0.41 -1.43 -25.36
C ASP A 209 0.98 -1.21 -24.78
N ALA A 210 1.77 -0.41 -25.47
CA ALA A 210 3.14 -0.14 -25.06
C ALA A 210 3.23 0.77 -23.83
N THR A 211 2.11 1.30 -23.36
CA THR A 211 2.15 2.17 -22.19
C THR A 211 2.32 1.36 -20.90
N LEU A 212 2.00 0.07 -20.98
CA LEU A 212 2.13 -0.76 -19.79
C LEU A 212 3.58 -0.86 -19.34
N LEU A 213 4.50 -0.58 -20.25
CA LEU A 213 5.91 -0.66 -19.92
C LEU A 213 6.30 0.38 -18.89
N THR A 214 5.44 1.37 -18.71
CA THR A 214 5.73 2.43 -17.75
C THR A 214 4.57 2.61 -16.76
N SER A 215 3.73 1.59 -16.66
CA SER A 215 2.71 1.58 -15.65
C SER A 215 3.33 0.92 -14.42
N GLY A 216 3.01 1.44 -13.25
CA GLY A 216 3.48 0.85 -12.01
C GLY A 216 2.55 1.21 -10.87
N THR A 217 2.86 0.70 -9.68
CA THR A 217 1.98 0.92 -8.54
C THR A 217 2.72 0.70 -7.22
N THR A 218 2.33 1.44 -6.18
CA THR A 218 2.69 1.04 -4.83
C THR A 218 1.88 -0.21 -4.51
N ALA A 219 2.29 -0.90 -3.45
CA ALA A 219 1.49 -1.97 -2.92
C ALA A 219 1.71 -2.03 -1.43
N THR A 220 0.64 -1.90 -0.69
CA THR A 220 0.69 -2.05 0.76
C THR A 220 -0.33 -3.12 1.17
N VAL A 221 0.19 -4.25 1.63
CA VAL A 221 -0.62 -5.43 1.89
C VAL A 221 -0.47 -5.86 3.34
N ALA A 222 -1.62 -6.03 4.00
CA ALA A 222 -1.66 -6.55 5.36
C ALA A 222 -2.32 -7.91 5.39
N LEU A 223 -1.73 -8.82 6.14
CA LEU A 223 -2.35 -10.10 6.42
C LEU A 223 -2.51 -10.20 7.93
N LEU A 224 -3.67 -10.64 8.37
CA LEU A 224 -3.90 -10.90 9.78
C LEU A 224 -4.17 -12.39 9.95
N ARG A 225 -3.35 -13.06 10.76
CA ARG A 225 -3.48 -14.50 10.94
C ARG A 225 -3.94 -14.81 12.36
N ASP A 226 -4.88 -15.75 12.45
CA ASP A 226 -5.42 -16.21 13.74
C ASP A 226 -5.97 -15.08 14.58
N GLY A 227 -6.36 -13.98 13.95
CA GLY A 227 -6.92 -12.85 14.64
C GLY A 227 -5.97 -12.03 15.51
N ILE A 228 -4.67 -12.34 15.49
CA ILE A 228 -3.73 -11.64 16.38
C ILE A 228 -2.39 -11.26 15.76
N GLU A 229 -1.98 -12.00 14.74
CA GLU A 229 -0.69 -11.78 14.14
C GLU A 229 -0.85 -10.91 12.88
N LEU A 230 -0.44 -9.64 12.98
CA LEU A 230 -0.55 -8.72 11.85
C LEU A 230 0.80 -8.51 11.15
N VAL A 231 0.84 -8.85 9.87
CA VAL A 231 2.05 -8.72 9.06
C VAL A 231 1.79 -7.82 7.85
N VAL A 232 2.61 -6.78 7.71
CA VAL A 232 2.47 -5.81 6.64
C VAL A 232 3.73 -5.76 5.77
N ALA A 233 3.51 -5.76 4.45
CA ALA A 233 4.56 -5.62 3.45
C ALA A 233 4.22 -4.45 2.57
N SER A 234 5.17 -3.56 2.32
CA SER A 234 4.90 -2.63 1.22
C SER A 234 6.10 -2.13 0.42
N VAL A 235 5.76 -1.63 -0.76
CA VAL A 235 6.68 -0.92 -1.62
C VAL A 235 5.98 0.35 -2.04
N GLY A 236 6.71 1.46 -2.02
CA GLY A 236 6.16 2.74 -2.44
C GLY A 236 5.92 3.67 -1.27
N ASP A 237 4.99 4.60 -1.46
CA ASP A 237 4.70 5.64 -0.46
C ASP A 237 3.25 5.61 0.01
N SER A 238 2.55 4.52 -0.23
CA SER A 238 1.28 4.30 0.47
C SER A 238 1.65 3.75 1.85
N ARG A 239 0.75 3.87 2.82
CA ARG A 239 1.07 3.55 4.22
C ARG A 239 0.06 2.67 4.94
N ALA A 240 0.56 1.97 5.96
CA ALA A 240 -0.28 1.32 6.94
C ALA A 240 0.10 1.84 8.32
N ILE A 241 -0.89 2.09 9.15
CA ILE A 241 -0.66 2.35 10.56
C ILE A 241 -1.64 1.56 11.41
N LEU A 242 -1.27 1.35 12.66
CA LEU A 242 -2.20 0.79 13.62
C LEU A 242 -2.58 1.86 14.62
N CYS A 243 -3.88 2.07 14.80
CA CYS A 243 -4.35 2.97 15.84
C CYS A 243 -4.84 2.16 17.02
N ARG A 244 -4.31 2.47 18.20
CA ARG A 244 -4.78 1.86 19.43
C ARG A 244 -4.81 2.91 20.54
N LYS A 245 -5.89 2.94 21.31
CA LYS A 245 -6.12 4.00 22.30
C LYS A 245 -5.85 5.38 21.72
N GLY A 246 -6.20 5.58 20.46
CA GLY A 246 -6.03 6.87 19.81
C GLY A 246 -4.59 7.23 19.51
N LYS A 247 -3.68 6.27 19.66
CA LYS A 247 -2.25 6.48 19.36
C LYS A 247 -1.81 5.71 18.12
N PRO A 248 -1.16 6.40 17.19
CA PRO A 248 -0.72 5.74 15.96
C PRO A 248 0.57 4.96 16.15
N MET A 249 0.64 3.81 15.52
CA MET A 249 1.92 3.12 15.32
C MET A 249 2.13 2.88 13.82
N LYS A 250 3.25 3.38 13.33
CA LYS A 250 3.62 3.26 11.93
C LYS A 250 4.00 1.83 11.58
N LEU A 251 3.41 1.30 10.51
CA LEU A 251 3.73 -0.06 10.09
C LEU A 251 4.63 -0.12 8.83
N THR A 252 4.82 1.02 8.17
CA THR A 252 5.63 1.07 6.94
C THR A 252 6.51 2.31 6.92
N ILE A 253 7.61 2.27 6.15
CA ILE A 253 8.35 3.49 5.85
C ILE A 253 8.38 3.76 4.34
N ASP A 254 8.03 4.97 3.96
CA ASP A 254 7.98 5.38 2.57
C ASP A 254 9.29 5.11 1.84
N HIS A 255 9.22 4.54 0.65
CA HIS A 255 10.40 4.42 -0.21
C HIS A 255 10.54 5.62 -1.14
N THR A 256 11.24 6.65 -0.68
CA THR A 256 11.48 7.83 -1.49
C THR A 256 12.98 8.08 -1.65
N PRO A 257 13.36 8.88 -2.65
CA PRO A 257 14.78 9.14 -2.91
C PRO A 257 15.44 9.88 -1.75
N GLU A 258 14.62 10.37 -0.82
CA GLU A 258 15.08 11.04 0.38
C GLU A 258 15.86 10.12 1.32
N ARG A 259 15.60 8.83 1.27
CA ARG A 259 16.26 7.87 2.15
C ARG A 259 17.66 7.51 1.65
N LYS A 260 18.67 7.72 2.48
CA LYS A 260 20.05 7.44 2.10
C LYS A 260 20.22 6.05 1.47
N ASP A 261 19.69 5.02 2.13
CA ASP A 261 19.81 3.65 1.65
C ASP A 261 19.21 3.42 0.27
N GLU A 262 18.03 4.00 0.04
CA GLU A 262 17.37 3.88 -1.26
C GLU A 262 18.17 4.65 -2.32
N LYS A 263 18.53 5.88 -1.98
CA LYS A 263 19.29 6.74 -2.87
C LYS A 263 20.57 6.05 -3.31
N GLU A 264 21.20 5.32 -2.40
CA GLU A 264 22.44 4.63 -2.73
C GLU A 264 22.25 3.44 -3.67
N ARG A 265 21.14 2.71 -3.53
CA ARG A 265 20.89 1.60 -4.43
C ARG A 265 20.66 2.10 -5.85
N ILE A 266 19.84 3.15 -5.97
CA ILE A 266 19.56 3.79 -7.25
C ILE A 266 20.87 4.16 -7.95
N LYS A 267 21.77 4.81 -7.21
CA LYS A 267 23.03 5.25 -7.79
C LYS A 267 23.95 4.07 -8.10
N LYS A 268 23.94 3.05 -7.24
CA LYS A 268 24.78 1.89 -7.47
C LYS A 268 24.27 1.06 -8.66
N CYS A 269 22.97 1.13 -8.93
CA CYS A 269 22.38 0.38 -10.05
C CYS A 269 22.43 1.14 -11.37
N GLY A 270 22.85 2.40 -11.32
CA GLY A 270 23.00 3.19 -12.53
C GLY A 270 21.89 4.21 -12.75
N GLY A 271 20.90 4.22 -11.86
CA GLY A 271 19.85 5.22 -11.92
C GLY A 271 20.34 6.57 -11.43
N PHE A 272 19.49 7.59 -11.54
CA PHE A 272 19.83 8.88 -10.95
C PHE A 272 18.62 9.50 -10.27
N VAL A 273 18.84 10.65 -9.63
CA VAL A 273 17.76 11.39 -9.01
C VAL A 273 17.80 12.82 -9.51
N ALA A 274 16.67 13.28 -10.04
CA ALA A 274 16.54 14.64 -10.56
C ALA A 274 15.59 15.40 -9.65
N TRP A 275 15.16 16.60 -10.06
CA TRP A 275 14.35 17.43 -9.18
C TRP A 275 13.33 18.34 -9.86
N ASN A 276 12.60 19.10 -9.04
CA ASN A 276 11.53 20.02 -9.44
C ASN A 276 10.21 19.71 -8.76
N GLN A 280 11.80 18.73 -6.42
CA GLN A 280 11.52 17.52 -5.65
C GLN A 280 12.02 16.23 -6.33
N PRO A 281 12.62 15.32 -5.53
CA PRO A 281 13.43 14.19 -5.99
C PRO A 281 12.64 13.13 -6.76
N HIS A 282 13.16 12.75 -7.92
CA HIS A 282 12.55 11.75 -8.79
C HIS A 282 13.59 10.82 -9.37
N VAL A 283 13.33 9.52 -9.25
CA VAL A 283 14.19 8.53 -9.86
C VAL A 283 14.20 8.66 -11.39
N ASN A 284 15.39 8.85 -11.95
CA ASN A 284 15.57 9.07 -13.38
C ASN A 284 14.61 10.12 -13.93
N GLY A 285 14.37 11.15 -13.14
CA GLY A 285 13.48 12.23 -13.52
C GLY A 285 12.03 11.84 -13.74
N ARG A 286 11.62 10.65 -13.28
CA ARG A 286 10.28 10.16 -13.60
C ARG A 286 9.43 9.71 -12.39
N LEU A 287 10.06 9.09 -11.39
CA LEU A 287 9.32 8.38 -10.35
C LEU A 287 9.57 8.88 -8.92
N ALA A 288 8.53 9.37 -8.26
CA ALA A 288 8.69 9.94 -6.93
C ALA A 288 8.96 8.93 -5.81
N MET A 289 9.10 7.65 -6.16
CA MET A 289 9.38 6.61 -5.16
C MET A 289 10.45 5.64 -5.68
N THR A 290 11.01 4.82 -4.78
CA THR A 290 12.18 4.00 -5.13
C THR A 290 11.90 2.48 -5.15
N ARG A 291 10.65 2.09 -4.92
CA ARG A 291 10.25 0.70 -5.03
C ARG A 291 8.83 0.69 -5.53
N SER A 292 8.49 -0.31 -6.33
CA SER A 292 7.14 -0.39 -6.86
C SER A 292 6.93 -1.75 -7.47
N ILE A 293 5.68 -2.04 -7.84
CA ILE A 293 5.38 -3.15 -8.71
C ILE A 293 5.21 -2.53 -10.10
N GLY A 294 5.82 -3.15 -11.13
CA GLY A 294 5.78 -2.61 -12.49
C GLY A 294 6.97 -1.68 -12.75
N ASP A 295 6.74 -0.57 -13.46
CA ASP A 295 7.84 0.31 -13.89
C ASP A 295 9.04 -0.45 -14.49
N LEU A 296 8.74 -1.36 -15.42
CA LEU A 296 9.73 -2.16 -16.15
C LEU A 296 11.03 -1.46 -16.57
N ASP A 297 10.93 -0.23 -17.06
CA ASP A 297 12.11 0.47 -17.56
C ASP A 297 13.03 0.92 -16.42
N LEU A 298 12.48 1.00 -15.22
CA LEU A 298 13.26 1.49 -14.10
C LEU A 298 13.79 0.38 -13.21
N LYS A 299 13.45 -0.87 -13.54
CA LYS A 299 13.83 -1.98 -12.67
C LYS A 299 15.34 -2.16 -12.56
N THR A 300 16.07 -2.05 -13.67
CA THR A 300 17.52 -2.19 -13.60
C THR A 300 18.21 -0.95 -13.03
N SER A 301 17.47 0.16 -12.91
CA SER A 301 18.05 1.37 -12.34
C SER A 301 17.79 1.49 -10.83
N GLY A 302 17.28 0.41 -10.22
CA GLY A 302 17.21 0.33 -8.77
C GLY A 302 15.82 0.35 -8.14
N VAL A 303 14.80 0.56 -8.96
CA VAL A 303 13.43 0.55 -8.44
C VAL A 303 12.93 -0.87 -8.33
N ILE A 304 13.08 -1.45 -7.14
CA ILE A 304 12.78 -2.86 -6.95
C ILE A 304 11.38 -3.13 -6.41
N ALA A 305 10.92 -4.36 -6.58
CA ALA A 305 9.61 -4.76 -6.13
C ALA A 305 9.66 -5.46 -4.76
N GLU A 306 10.85 -5.52 -4.17
CA GLU A 306 11.00 -6.20 -2.89
C GLU A 306 10.51 -5.34 -1.74
N PRO A 307 9.51 -5.83 -1.00
CA PRO A 307 8.91 -5.01 0.04
C PRO A 307 9.77 -4.95 1.28
N GLU A 308 9.55 -3.94 2.12
CA GLU A 308 9.92 -4.04 3.53
C GLU A 308 8.70 -4.56 4.29
N THR A 309 8.96 -5.26 5.38
CA THR A 309 7.91 -5.96 6.12
C THR A 309 8.01 -5.67 7.60
N LYS A 310 6.86 -5.77 8.27
CA LYS A 310 6.75 -5.46 9.66
C LYS A 310 5.72 -6.41 10.25
N ARG A 311 6.06 -7.00 11.40
CA ARG A 311 5.19 -7.96 12.06
C ARG A 311 4.92 -7.54 13.50
N ILE A 312 3.65 -7.57 13.91
CA ILE A 312 3.27 -7.23 15.28
C ILE A 312 2.14 -8.14 15.77
N LYS A 313 1.96 -8.19 17.09
CA LYS A 313 0.82 -8.90 17.68
C LYS A 313 -0.23 -7.90 18.16
N LEU A 314 -1.50 -8.16 17.84
CA LEU A 314 -2.58 -7.29 18.30
C LEU A 314 -2.79 -7.37 19.82
N HIS A 315 -3.37 -6.31 20.37
CA HIS A 315 -3.62 -6.23 21.81
C HIS A 315 -4.82 -7.06 22.19
N HIS A 316 -4.70 -7.82 23.27
CA HIS A 316 -5.74 -8.73 23.71
C HIS A 316 -6.96 -8.00 24.30
N ALA A 317 -6.75 -6.80 24.82
CA ALA A 317 -7.82 -6.12 25.56
C ALA A 317 -8.32 -4.83 24.92
N ASP A 318 -7.44 -4.13 24.21
CA ASP A 318 -7.83 -2.87 23.58
C ASP A 318 -8.18 -3.11 22.12
N ASP A 319 -9.22 -2.44 21.65
CA ASP A 319 -9.54 -2.46 20.23
C ASP A 319 -8.48 -1.70 19.45
N SER A 320 -8.16 -2.17 18.26
CA SER A 320 -7.27 -1.41 17.42
C SER A 320 -7.77 -1.35 15.99
N PHE A 321 -7.22 -0.41 15.23
CA PHE A 321 -7.63 -0.19 13.86
C PHE A 321 -6.42 -0.17 12.93
N LEU A 322 -6.51 -0.95 11.87
CA LEU A 322 -5.57 -0.85 10.79
C LEU A 322 -6.09 0.22 9.84
N VAL A 323 -5.22 1.17 9.47
CA VAL A 323 -5.60 2.15 8.46
C VAL A 323 -4.60 2.16 7.31
N LEU A 324 -5.12 1.94 6.10
CA LEU A 324 -4.30 2.02 4.89
C LEU A 324 -4.64 3.30 4.14
N THR A 325 -3.62 4.02 3.70
CA THR A 325 -3.80 5.29 2.99
C THR A 325 -2.83 5.42 1.81
N THR A 326 -3.25 6.11 0.77
CA THR A 326 -2.35 6.45 -0.33
C THR A 326 -1.77 7.85 -0.06
N ASP A 327 -0.68 8.20 -0.75
CA ASP A 327 0.03 9.44 -0.41
C ASP A 327 -0.81 10.69 -0.59
N GLY A 328 -1.90 10.61 -1.34
CA GLY A 328 -2.84 11.74 -1.38
C GLY A 328 -3.23 12.17 0.03
N ILE A 329 -3.44 11.17 0.89
CA ILE A 329 -3.84 11.44 2.26
C ILE A 329 -2.67 11.87 3.16
N ASN A 330 -1.52 11.23 2.99
CA ASN A 330 -0.37 11.47 3.86
C ASN A 330 0.23 12.84 3.66
N PHE A 331 0.00 13.40 2.47
CA PHE A 331 0.52 14.71 2.14
C PHE A 331 0.06 15.71 3.21
N MET A 332 -1.19 15.56 3.65
CA MET A 332 -1.84 16.60 4.43
C MET A 332 -2.35 16.19 5.82
N VAL A 333 -2.56 14.90 6.04
CA VAL A 333 -3.09 14.41 7.30
C VAL A 333 -2.08 13.48 7.95
N ASN A 334 -1.46 13.88 9.05
CA ASN A 334 -0.50 13.00 9.68
C ASN A 334 -1.22 11.83 10.34
N SER A 335 -0.47 10.88 10.84
CA SER A 335 -1.10 9.67 11.30
C SER A 335 -1.77 9.84 12.68
N GLN A 336 -1.34 10.82 13.46
CA GLN A 336 -2.07 11.13 14.69
C GLN A 336 -3.48 11.61 14.35
N GLU A 337 -3.57 12.52 13.38
CA GLU A 337 -4.85 13.08 12.98
C GLU A 337 -5.76 11.97 12.45
N ILE A 338 -5.19 11.02 11.72
CA ILE A 338 -5.95 9.85 11.29
C ILE A 338 -6.52 9.05 12.48
N CYS A 339 -5.71 8.80 13.50
CA CYS A 339 -6.22 8.07 14.65
C CYS A 339 -7.34 8.83 15.35
N ASP A 340 -7.25 10.15 15.36
CA ASP A 340 -8.31 10.96 15.95
C ASP A 340 -9.65 10.77 15.23
N PHE A 341 -9.61 10.70 13.91
CA PHE A 341 -10.80 10.48 13.11
C PHE A 341 -11.37 9.10 13.42
N VAL A 342 -10.48 8.14 13.50
CA VAL A 342 -10.90 6.78 13.76
C VAL A 342 -11.51 6.72 15.15
N ASN A 343 -10.89 7.46 16.07
CA ASN A 343 -11.31 7.50 17.46
C ASN A 343 -12.59 8.31 17.67
N GLN A 344 -12.83 9.30 16.82
CA GLN A 344 -13.96 10.21 17.05
C GLN A 344 -15.18 9.96 16.17
N CYS A 345 -14.97 9.49 14.95
CA CYS A 345 -16.08 9.24 14.01
C CYS A 345 -16.89 8.00 14.33
N HIS A 346 -18.17 8.05 13.98
CA HIS A 346 -19.12 6.99 14.32
C HIS A 346 -18.58 5.60 13.98
N ASP A 347 -18.51 5.29 12.69
CA ASP A 347 -18.02 4.00 12.24
C ASP A 347 -16.79 4.14 11.33
N PRO A 348 -16.11 3.03 11.06
CA PRO A 348 -14.93 3.06 10.18
C PRO A 348 -15.23 3.72 8.83
N ASN A 349 -16.44 3.54 8.33
CA ASN A 349 -16.81 4.13 7.07
C ASN A 349 -16.86 5.65 7.14
N GLU A 350 -17.47 6.17 8.19
CA GLU A 350 -17.50 7.62 8.36
C GLU A 350 -16.09 8.14 8.60
N ALA A 351 -15.26 7.32 9.24
CA ALA A 351 -13.90 7.75 9.51
C ALA A 351 -13.11 7.80 8.21
N ALA A 352 -13.26 6.77 7.37
CA ALA A 352 -12.54 6.72 6.11
C ALA A 352 -12.90 7.93 5.26
N HIS A 353 -14.20 8.22 5.15
CA HIS A 353 -14.64 9.37 4.36
C HIS A 353 -14.13 10.70 4.92
N ALA A 354 -14.12 10.82 6.25
CA ALA A 354 -13.67 12.05 6.89
C ALA A 354 -12.18 12.30 6.63
N VAL A 355 -11.39 11.25 6.70
CA VAL A 355 -9.97 11.38 6.46
C VAL A 355 -9.69 11.86 5.03
N THR A 356 -10.30 11.22 4.05
CA THR A 356 -10.09 11.59 2.66
C THR A 356 -10.58 13.03 2.39
N GLU A 357 -11.73 13.39 2.93
CA GLU A 357 -12.31 14.71 2.71
C GLU A 357 -11.45 15.81 3.33
N GLN A 358 -10.89 15.56 4.51
CA GLN A 358 -9.96 16.52 5.11
C GLN A 358 -8.72 16.74 4.25
N ALA A 359 -8.14 15.66 3.75
CA ALA A 359 -7.00 15.74 2.82
C ALA A 359 -7.30 16.69 1.68
N ILE A 360 -8.42 16.46 1.00
CA ILE A 360 -8.84 17.35 -0.07
C ILE A 360 -9.04 18.81 0.41
N GLN A 361 -9.76 18.99 1.51
CA GLN A 361 -10.00 20.33 2.05
C GLN A 361 -8.69 21.06 2.34
N TYR A 362 -7.71 20.32 2.85
CA TYR A 362 -6.40 20.89 3.16
C TYR A 362 -5.57 21.28 1.93
N GLY A 363 -5.90 20.70 0.76
CA GLY A 363 -5.29 21.15 -0.48
C GLY A 363 -4.76 20.08 -1.40
N THR A 364 -4.85 18.83 -0.96
CA THR A 364 -4.47 17.67 -1.79
C THR A 364 -5.22 17.66 -3.12
N GLU A 365 -4.51 17.29 -4.18
CA GLU A 365 -5.10 17.26 -5.51
C GLU A 365 -5.01 15.88 -6.10
N ASP A 366 -4.26 15.02 -5.43
CA ASP A 366 -4.03 13.66 -5.88
C ASP A 366 -5.17 12.74 -5.44
N ASN A 367 -5.31 11.61 -6.15
CA ASN A 367 -6.16 10.52 -5.70
C ASN A 367 -5.89 10.26 -4.22
N SER A 368 -6.97 10.17 -3.44
CA SER A 368 -6.85 10.01 -1.98
C SER A 368 -7.76 8.89 -1.49
N THR A 369 -7.13 7.88 -0.89
CA THR A 369 -7.80 6.63 -0.56
C THR A 369 -7.48 6.19 0.87
N ALA A 370 -8.50 5.83 1.65
CA ALA A 370 -8.32 5.37 3.03
C ALA A 370 -9.15 4.11 3.28
N VAL A 371 -8.51 3.11 3.87
CA VAL A 371 -9.25 1.93 4.32
C VAL A 371 -9.08 1.82 5.84
N VAL A 372 -10.19 1.74 6.56
CA VAL A 372 -10.18 1.63 8.02
C VAL A 372 -10.75 0.28 8.46
N VAL A 373 -9.91 -0.53 9.08
CA VAL A 373 -10.28 -1.87 9.50
C VAL A 373 -10.33 -1.99 11.03
N PRO A 374 -11.52 -2.24 11.60
CA PRO A 374 -11.65 -2.44 13.04
C PRO A 374 -11.27 -3.86 13.45
N PHE A 375 -10.37 -3.98 14.42
CA PHE A 375 -10.05 -5.26 15.04
C PHE A 375 -10.65 -5.31 16.44
N GLY A 376 -11.36 -6.39 16.74
CA GLY A 376 -11.84 -6.56 18.10
C GLY A 376 -10.72 -7.11 18.98
N ALA A 377 -10.72 -6.74 20.26
CA ALA A 377 -9.81 -7.35 21.21
C ALA A 377 -10.36 -8.69 21.66
N TRP A 378 -9.62 -9.76 21.38
CA TRP A 378 -10.01 -11.11 21.86
C TRP A 378 -10.33 -11.15 23.36
C1 BME B . -17.39 0.84 2.32
C2 BME B . -16.84 -0.53 2.71
O1 BME B . -18.77 0.76 2.03
S2 BME B . -15.28 -0.88 1.86
C1 BME C . 0.44 -16.92 -8.31
C2 BME C . 1.74 -16.31 -8.80
O1 BME C . 0.69 -18.14 -7.62
S2 BME C . 2.10 -14.63 -8.21
C1 BME D . -15.20 13.64 14.05
C2 BME D . -16.49 13.00 13.51
O1 BME D . -14.83 14.74 13.25
S2 BME D . -16.29 12.20 11.89
MG MG E . -0.87 8.93 -5.14
MG MG F . -1.26 7.26 -8.46
MG MG G . -10.48 -9.29 -4.67
#